data_6JTG
#
_entry.id   6JTG
#
_cell.length_a   77.890
_cell.length_b   77.890
_cell.length_c   171.547
_cell.angle_alpha   90.00
_cell.angle_beta   90.00
_cell.angle_gamma   90.00
#
_symmetry.space_group_name_H-M   'P 43 21 2'
#
loop_
_entity.id
_entity.type
_entity.pdbx_description
1 polymer 'Dynamin-like 120 kDa protein, mitochondrial,OPA1 protein'
2 non-polymer "GUANOSINE-5'-DIPHOSPHATE"
3 non-polymer 'MAGNESIUM ION'
4 non-polymer 'BERYLLIUM TRIFLUORIDE ION'
5 non-polymer 'POTASSIUM ION'
6 water water
#
_entity_poly.entity_id   1
_entity_poly.type   'polypeptide(L)'
_entity_poly.pdbx_seq_one_letter_code
;SLIDMYSEVLDVLSDYDASYNTQDHLPRVVVVGDQSAGKTSVLEMIAQARIFPRGSGEMMTRSPVKVTLSEGPHHVALFK
DSSREFDLTKEEDLAALRHEIELRMRKNVKEGCTVSPETISLNVKGPGLQRMVLVDLPGVINTVTSGMAPDTKETIFSIS
KAYMQNPNAIILCIQDGSVDAERSIVTDLVSQMDPHGRRTIFVLTKVDLAEKNVASPSRIQQIIEGKLFPMKALGYFAVV
TGKGNSSESIEAIREYEEEFFQNSKLLKTSMLKAHQVTTRNLSLAVSDCFWKMVRESVEQQADSFKATRFNLETEWKNGS
GSGSGGSDLKKVREIQEKLDAFIEALHQEK
;
_entity_poly.pdbx_strand_id   A
#
# COMPACT_ATOMS: atom_id res chain seq x y z
N SER A 1 -10.05 18.40 0.30
CA SER A 1 -10.97 17.71 -0.56
C SER A 1 -10.19 17.61 -1.81
N LEU A 2 -8.98 18.06 -1.74
CA LEU A 2 -8.27 17.97 -2.93
C LEU A 2 -7.77 16.54 -3.12
N ILE A 3 -7.94 15.71 -2.09
CA ILE A 3 -7.49 14.35 -2.15
C ILE A 3 -8.66 13.69 -2.70
N ASP A 4 -9.75 14.37 -2.57
CA ASP A 4 -11.00 13.90 -3.04
C ASP A 4 -11.09 14.19 -4.49
N MET A 5 -10.58 15.32 -4.89
CA MET A 5 -10.53 15.66 -6.27
C MET A 5 -9.58 14.71 -6.96
N TYR A 6 -8.45 14.43 -6.35
CA TYR A 6 -7.46 13.60 -6.98
C TYR A 6 -8.03 12.26 -7.22
N SER A 7 -8.70 11.72 -6.24
CA SER A 7 -9.15 10.35 -6.39
C SER A 7 -10.19 10.22 -7.49
N GLU A 8 -10.97 11.27 -7.71
CA GLU A 8 -11.98 11.17 -8.76
C GLU A 8 -11.34 11.32 -10.13
N VAL A 9 -10.28 12.13 -10.25
CA VAL A 9 -9.44 12.07 -11.43
C VAL A 9 -8.92 10.65 -11.65
N LEU A 10 -8.56 9.97 -10.55
CA LEU A 10 -8.02 8.62 -10.68
C LEU A 10 -9.07 7.64 -11.19
N ASP A 11 -10.22 7.56 -10.54
CA ASP A 11 -11.18 6.52 -10.89
C ASP A 11 -12.14 6.93 -12.01
N VAL A 12 -12.05 8.17 -12.53
CA VAL A 12 -12.60 8.43 -13.86
C VAL A 12 -11.57 8.19 -14.95
N LEU A 13 -10.28 8.24 -14.62
CA LEU A 13 -9.20 7.83 -15.52
C LEU A 13 -9.21 6.33 -15.78
N SER A 14 -10.18 5.61 -15.22
CA SER A 14 -10.24 4.14 -15.34
C SER A 14 -11.70 3.71 -15.23
N ASP A 15 -12.40 3.43 -16.32
CA ASP A 15 -12.06 3.73 -17.73
C ASP A 15 -10.93 3.03 -18.43
N TYR A 16 -9.70 3.42 -18.15
CA TYR A 16 -8.52 2.66 -18.50
C TYR A 16 -8.17 2.47 -19.97
N ASP A 17 -8.47 3.44 -20.84
CA ASP A 17 -8.27 3.22 -22.27
C ASP A 17 -6.94 2.54 -22.54
N ALA A 18 -5.86 3.11 -22.04
CA ALA A 18 -4.57 2.45 -22.11
C ALA A 18 -3.80 2.51 -23.40
N SER A 19 -3.25 3.64 -23.76
CA SER A 19 -2.68 3.81 -25.07
C SER A 19 -1.53 4.78 -25.07
N TYR A 20 -1.13 5.21 -26.25
CA TYR A 20 -0.07 6.21 -26.39
C TYR A 20 -0.53 7.58 -25.89
N ASN A 21 -1.75 7.99 -26.25
CA ASN A 21 -2.27 9.30 -25.91
C ASN A 21 -2.82 9.38 -24.49
N THR A 22 -2.91 8.25 -23.76
CA THR A 22 -3.54 8.19 -22.45
C THR A 22 -2.79 7.17 -21.58
N GLN A 23 -1.64 7.57 -21.09
CA GLN A 23 -0.94 6.82 -20.06
C GLN A 23 -1.43 7.27 -18.69
N ASP A 24 -1.47 6.34 -17.75
CA ASP A 24 -1.88 6.61 -16.38
C ASP A 24 -0.63 6.59 -15.49
N HIS A 25 0.03 7.74 -15.42
CA HIS A 25 1.26 7.91 -14.64
C HIS A 25 1.03 8.76 -13.41
N LEU A 26 -0.16 8.63 -12.80
CA LEU A 26 -0.36 9.44 -11.60
C LEU A 26 0.03 8.66 -10.35
N PRO A 27 0.64 9.35 -9.38
CA PRO A 27 1.09 8.68 -8.15
C PRO A 27 -0.03 7.88 -7.48
N ARG A 28 0.31 6.63 -7.13
CA ARG A 28 -0.36 5.86 -6.10
C ARG A 28 0.71 5.26 -5.20
N VAL A 29 0.36 4.97 -3.96
CA VAL A 29 1.25 4.22 -3.07
C VAL A 29 0.88 2.76 -3.19
N VAL A 30 1.83 1.95 -3.62
CA VAL A 30 1.58 0.60 -4.08
C VAL A 30 2.26 -0.33 -3.07
N VAL A 31 1.49 -1.21 -2.44
CA VAL A 31 1.97 -1.96 -1.28
C VAL A 31 2.30 -3.36 -1.75
N VAL A 32 3.58 -3.70 -1.82
CA VAL A 32 4.02 -4.97 -2.38
C VAL A 32 4.87 -5.69 -1.36
N GLY A 33 4.93 -7.02 -1.48
CA GLY A 33 5.72 -7.83 -0.56
C GLY A 33 5.33 -9.28 -0.66
N ASP A 34 6.21 -10.14 -0.13
CA ASP A 34 5.90 -11.56 -0.13
C ASP A 34 4.57 -11.81 0.58
N GLN A 35 3.90 -12.91 0.19
CA GLN A 35 2.71 -13.34 0.91
C GLN A 35 2.96 -13.38 2.42
N SER A 36 2.06 -12.75 3.17
CA SER A 36 2.03 -12.66 4.62
C SER A 36 3.15 -11.81 5.23
N ALA A 37 3.91 -11.06 4.43
CA ALA A 37 4.86 -10.12 5.01
C ALA A 37 4.16 -9.06 5.86
N GLY A 38 2.89 -8.79 5.57
CA GLY A 38 2.14 -7.83 6.37
C GLY A 38 1.72 -6.58 5.62
N LYS A 39 1.54 -6.70 4.29
CA LYS A 39 1.08 -5.56 3.46
C LYS A 39 -0.25 -5.03 3.99
N THR A 40 -1.25 -5.91 4.09
CA THR A 40 -2.57 -5.48 4.57
C THR A 40 -2.50 -4.98 6.02
N SER A 41 -1.63 -5.56 6.84
CA SER A 41 -1.50 -5.10 8.22
C SER A 41 -1.00 -3.65 8.28
N VAL A 42 -0.03 -3.31 7.43
CA VAL A 42 0.43 -1.93 7.33
C VAL A 42 -0.71 -1.02 6.89
N LEU A 43 -1.41 -1.42 5.83
CA LEU A 43 -2.56 -0.65 5.38
C LEU A 43 -3.55 -0.44 6.52
N GLU A 44 -3.83 -1.46 7.32
CA GLU A 44 -4.85 -1.29 8.34
C GLU A 44 -4.36 -0.40 9.48
N MET A 45 -3.06 -0.39 9.76
CA MET A 45 -2.60 0.55 10.78
C MET A 45 -2.66 2.00 10.28
N ILE A 46 -2.51 2.21 8.97
CA ILE A 46 -2.64 3.58 8.43
C ILE A 46 -4.13 3.98 8.29
N ALA A 47 -4.98 3.10 7.77
CA ALA A 47 -6.40 3.39 7.71
C ALA A 47 -7.08 3.31 9.07
N GLN A 48 -6.41 2.67 10.05
CA GLN A 48 -6.90 2.53 11.43
C GLN A 48 -8.23 1.79 11.53
N ALA A 49 -8.41 0.75 10.70
CA ALA A 49 -9.63 -0.05 10.79
C ALA A 49 -9.32 -1.49 10.40
N ARG A 50 -10.00 -2.45 11.05
CA ARG A 50 -9.83 -3.87 10.75
C ARG A 50 -10.94 -4.31 9.81
N ILE A 51 -10.69 -4.18 8.51
CA ILE A 51 -11.80 -4.35 7.58
C ILE A 51 -11.45 -5.27 6.41
N PHE A 52 -10.16 -5.55 6.20
CA PHE A 52 -9.72 -6.26 5.00
C PHE A 52 -9.33 -7.70 5.31
N PRO A 53 -9.38 -8.60 4.34
CA PRO A 53 -8.92 -9.97 4.59
C PRO A 53 -7.43 -9.98 4.93
N ARG A 54 -7.11 -10.66 6.04
CA ARG A 54 -5.81 -10.54 6.67
C ARG A 54 -5.57 -11.79 7.50
N GLY A 55 -4.36 -12.34 7.40
CA GLY A 55 -4.02 -13.50 8.21
C GLY A 55 -2.74 -14.19 7.81
N SER A 56 -2.09 -14.83 8.79
CA SER A 56 -0.85 -15.54 8.55
C SER A 56 -1.08 -16.89 7.89
N GLY A 57 -0.07 -17.35 7.17
CA GLY A 57 -0.03 -18.71 6.70
C GLY A 57 -0.68 -19.00 5.37
N GLU A 58 -1.38 -18.04 4.76
CA GLU A 58 -2.05 -18.32 3.50
C GLU A 58 -2.33 -17.05 2.73
N MET A 59 -2.75 -17.23 1.48
CA MET A 59 -3.01 -16.13 0.56
C MET A 59 -4.33 -15.45 0.91
N MET A 60 -4.28 -14.17 1.25
CA MET A 60 -5.46 -13.48 1.73
C MET A 60 -5.97 -12.36 0.82
N THR A 61 -5.09 -11.65 0.14
CA THR A 61 -5.48 -10.54 -0.73
C THR A 61 -5.46 -11.06 -2.16
N ARG A 62 -6.63 -11.35 -2.73
CA ARG A 62 -6.70 -12.06 -4.01
C ARG A 62 -7.03 -11.13 -5.17
N SER A 63 -7.07 -9.83 -4.91
CA SER A 63 -7.23 -8.84 -5.96
C SER A 63 -6.73 -7.52 -5.40
N PRO A 64 -6.39 -6.56 -6.24
CA PRO A 64 -5.94 -5.26 -5.72
C PRO A 64 -7.07 -4.54 -4.98
N VAL A 65 -6.73 -3.84 -3.91
CA VAL A 65 -7.68 -3.09 -3.12
C VAL A 65 -7.17 -1.65 -3.06
N LYS A 66 -7.87 -0.74 -3.73
CA LYS A 66 -7.51 0.67 -3.76
C LYS A 66 -8.27 1.40 -2.64
N VAL A 67 -7.52 2.02 -1.74
CA VAL A 67 -8.05 2.77 -0.62
C VAL A 67 -7.59 4.21 -0.74
N THR A 68 -8.53 5.13 -0.82
CA THR A 68 -8.26 6.55 -0.73
C THR A 68 -8.49 6.96 0.71
N LEU A 69 -7.47 7.51 1.34
CA LEU A 69 -7.53 7.97 2.72
C LEU A 69 -7.66 9.48 2.73
N SER A 70 -8.67 9.99 3.44
CA SER A 70 -8.90 11.43 3.51
C SER A 70 -9.32 11.82 4.92
N GLU A 71 -9.26 13.13 5.17
CA GLU A 71 -9.62 13.69 6.47
C GLU A 71 -11.12 13.79 6.60
N GLY A 72 -11.61 13.54 7.80
CA GLY A 72 -13.03 13.66 8.05
C GLY A 72 -13.33 13.74 9.53
N PRO A 73 -14.56 14.10 9.81
CA PRO A 73 -15.05 14.19 11.16
C PRO A 73 -15.42 12.87 11.77
N HIS A 74 -15.83 11.89 11.01
CA HIS A 74 -16.08 10.60 11.61
C HIS A 74 -15.27 9.48 10.95
N HIS A 75 -14.82 8.43 11.63
CA HIS A 75 -14.17 7.35 10.91
C HIS A 75 -15.21 6.59 10.09
N VAL A 76 -15.23 6.78 8.76
CA VAL A 76 -16.20 6.13 7.89
C VAL A 76 -15.51 5.50 6.69
N ALA A 77 -16.20 4.56 6.06
CA ALA A 77 -15.76 3.96 4.79
C ALA A 77 -16.94 3.85 3.85
N LEU A 78 -16.67 4.09 2.55
CA LEU A 78 -17.66 3.95 1.48
C LEU A 78 -17.03 3.23 0.31
N PHE A 79 -17.74 2.30 -0.31
CA PHE A 79 -17.24 1.84 -1.59
C PHE A 79 -17.35 2.94 -2.64
N LYS A 80 -16.54 2.80 -3.69
CA LYS A 80 -16.64 3.66 -4.86
C LYS A 80 -18.05 3.60 -5.45
N ASP A 81 -18.55 4.76 -5.87
CA ASP A 81 -19.89 4.89 -6.45
C ASP A 81 -20.94 4.26 -5.52
N SER A 82 -20.89 4.64 -4.25
CA SER A 82 -21.88 4.14 -3.32
C SER A 82 -22.12 5.22 -2.28
N SER A 83 -23.31 5.21 -1.73
CA SER A 83 -23.70 6.18 -0.72
C SER A 83 -23.69 5.60 0.69
N ARG A 84 -23.62 4.27 0.83
CA ARG A 84 -23.64 3.67 2.15
C ARG A 84 -22.36 4.01 2.92
N GLU A 85 -22.52 4.67 4.05
CA GLU A 85 -21.43 4.92 4.99
C GLU A 85 -21.36 3.78 5.98
N PHE A 86 -20.21 3.12 6.05
CA PHE A 86 -19.91 2.19 7.13
C PHE A 86 -19.28 2.98 8.27
N ASP A 87 -19.91 2.92 9.44
CA ASP A 87 -19.42 3.61 10.63
C ASP A 87 -18.33 2.73 11.28
N LEU A 88 -17.07 3.12 11.12
CA LEU A 88 -15.97 2.32 11.62
C LEU A 88 -15.83 2.33 13.14
N THR A 89 -16.74 2.98 13.87
CA THR A 89 -16.74 2.86 15.32
C THR A 89 -17.74 1.81 15.81
N LYS A 90 -18.62 1.33 14.94
CA LYS A 90 -19.64 0.35 15.28
C LYS A 90 -19.22 -1.04 14.82
N GLU A 91 -19.18 -2.00 15.75
CA GLU A 91 -18.74 -3.34 15.40
C GLU A 91 -19.65 -4.00 14.37
N GLU A 92 -20.95 -3.71 14.40
CA GLU A 92 -21.82 -4.33 13.39
C GLU A 92 -21.50 -3.82 12.00
N ASP A 93 -21.13 -2.54 11.89
CA ASP A 93 -20.73 -1.98 10.60
C ASP A 93 -19.41 -2.56 10.13
N LEU A 94 -18.41 -2.63 11.03
CA LEU A 94 -17.15 -3.29 10.73
C LEU A 94 -17.36 -4.72 10.22
N ALA A 95 -18.19 -5.49 10.92
CA ALA A 95 -18.39 -6.89 10.54
C ALA A 95 -19.05 -6.98 9.17
N ALA A 96 -20.10 -6.19 8.96
CA ALA A 96 -20.74 -6.13 7.65
C ALA A 96 -19.73 -5.77 6.56
N LEU A 97 -18.87 -4.77 6.82
CA LEU A 97 -17.90 -4.33 5.81
C LEU A 97 -16.87 -5.41 5.49
N ARG A 98 -16.40 -6.14 6.51
CA ARG A 98 -15.51 -7.26 6.25
C ARG A 98 -16.16 -8.24 5.30
N HIS A 99 -17.43 -8.56 5.57
CA HIS A 99 -18.15 -9.49 4.70
C HIS A 99 -18.28 -8.94 3.27
N GLU A 100 -18.61 -7.64 3.13
CA GLU A 100 -18.84 -7.06 1.81
C GLU A 100 -17.56 -7.03 0.98
N ILE A 101 -16.42 -6.76 1.62
CA ILE A 101 -15.13 -6.77 0.92
C ILE A 101 -14.75 -8.19 0.50
N GLU A 102 -14.87 -9.16 1.42
CA GLU A 102 -14.57 -10.55 1.03
C GLU A 102 -15.44 -10.97 -0.13
N LEU A 103 -16.73 -10.61 -0.10
CA LEU A 103 -17.64 -11.01 -1.17
C LEU A 103 -17.23 -10.42 -2.51
N ARG A 104 -16.89 -9.12 -2.55
CA ARG A 104 -16.43 -8.57 -3.82
C ARG A 104 -15.14 -9.24 -4.28
N MET A 105 -14.21 -9.48 -3.35
CA MET A 105 -12.97 -10.14 -3.74
C MET A 105 -13.24 -11.50 -4.35
N ARG A 106 -14.12 -12.29 -3.72
CA ARG A 106 -14.49 -13.58 -4.26
C ARG A 106 -15.23 -13.43 -5.60
N LYS A 107 -16.03 -12.38 -5.76
CA LYS A 107 -16.75 -12.18 -7.01
C LYS A 107 -15.78 -11.89 -8.15
N ASN A 108 -14.74 -11.10 -7.87
CA ASN A 108 -13.77 -10.74 -8.91
C ASN A 108 -13.02 -11.95 -9.46
N VAL A 109 -12.78 -12.97 -8.66
CA VAL A 109 -11.93 -14.08 -9.10
C VAL A 109 -12.74 -15.00 -10.00
N LYS A 110 -12.42 -15.01 -11.29
CA LYS A 110 -13.13 -15.80 -12.28
C LYS A 110 -12.92 -17.30 -12.02
N GLU A 111 -13.69 -18.12 -12.75
CA GLU A 111 -13.96 -19.49 -12.29
C GLU A 111 -12.70 -20.33 -12.22
N GLY A 112 -11.87 -20.32 -13.27
CA GLY A 112 -10.65 -21.10 -13.23
C GLY A 112 -9.41 -20.37 -12.74
N CYS A 113 -9.60 -19.38 -11.88
CA CYS A 113 -8.54 -18.48 -11.46
C CYS A 113 -8.46 -18.48 -9.94
N THR A 114 -7.31 -18.05 -9.43
CA THR A 114 -7.11 -17.91 -8.00
C THR A 114 -7.04 -16.46 -7.56
N VAL A 115 -6.62 -15.57 -8.46
CA VAL A 115 -6.39 -14.18 -8.14
C VAL A 115 -6.98 -13.36 -9.26
N SER A 116 -7.32 -12.10 -8.97
CA SER A 116 -7.90 -11.25 -9.99
C SER A 116 -7.20 -9.91 -10.04
N PRO A 117 -7.03 -9.32 -11.22
CA PRO A 117 -6.52 -7.95 -11.33
C PRO A 117 -7.62 -6.89 -11.23
N GLU A 118 -8.88 -7.30 -11.10
CA GLU A 118 -9.97 -6.37 -10.87
C GLU A 118 -9.86 -5.74 -9.48
N THR A 119 -9.86 -4.41 -9.45
CA THR A 119 -9.66 -3.67 -8.22
C THR A 119 -10.96 -3.54 -7.43
N ILE A 120 -10.79 -3.42 -6.12
CA ILE A 120 -11.85 -3.06 -5.20
C ILE A 120 -11.51 -1.68 -4.67
N SER A 121 -12.39 -0.71 -4.89
CA SER A 121 -12.11 0.67 -4.52
C SER A 121 -12.93 1.07 -3.31
N LEU A 122 -12.30 1.76 -2.38
CA LEU A 122 -12.92 2.10 -1.12
C LEU A 122 -12.32 3.41 -0.64
N ASN A 123 -13.18 4.29 -0.10
CA ASN A 123 -12.76 5.52 0.54
C ASN A 123 -12.85 5.33 2.05
N VAL A 124 -11.82 5.71 2.78
CA VAL A 124 -11.83 5.72 4.22
C VAL A 124 -11.51 7.15 4.65
N LYS A 125 -12.45 7.77 5.36
CA LYS A 125 -12.25 9.10 5.91
C LYS A 125 -12.20 9.01 7.42
N GLY A 126 -11.50 9.93 8.04
CA GLY A 126 -11.37 9.87 9.46
C GLY A 126 -10.60 11.03 10.04
N PRO A 127 -10.81 11.29 11.34
CA PRO A 127 -10.12 12.40 12.01
C PRO A 127 -8.64 12.10 12.17
N GLY A 128 -7.83 12.94 11.53
CA GLY A 128 -6.38 12.80 11.62
C GLY A 128 -5.75 11.80 10.69
N LEU A 129 -6.49 11.25 9.73
CA LEU A 129 -5.91 10.30 8.80
C LEU A 129 -5.01 11.02 7.82
N GLN A 130 -3.87 10.40 7.50
CA GLN A 130 -3.07 10.86 6.38
C GLN A 130 -3.87 10.76 5.08
N ARG A 131 -3.66 11.71 4.19
CA ARG A 131 -4.38 11.75 2.92
C ARG A 131 -3.46 11.21 1.83
N MET A 132 -4.00 10.30 1.01
CA MET A 132 -3.14 9.40 0.27
C MET A 132 -4.01 8.49 -0.60
N VAL A 133 -3.47 7.84 -1.61
CA VAL A 133 -4.20 6.78 -2.31
C VAL A 133 -3.24 5.61 -2.29
N LEU A 134 -3.66 4.51 -1.66
CA LEU A 134 -2.90 3.27 -1.60
C LEU A 134 -3.60 2.17 -2.38
N VAL A 135 -2.80 1.18 -2.80
CA VAL A 135 -3.29 -0.01 -3.49
C VAL A 135 -2.61 -1.20 -2.81
N ASP A 136 -3.39 -1.99 -2.10
CA ASP A 136 -2.93 -3.23 -1.47
C ASP A 136 -2.98 -4.32 -2.52
N LEU A 137 -1.90 -5.08 -2.65
CA LEU A 137 -1.75 -6.05 -3.72
C LEU A 137 -1.61 -7.47 -3.19
N PRO A 138 -1.90 -8.47 -4.03
CA PRO A 138 -1.65 -9.86 -3.63
C PRO A 138 -0.18 -10.11 -3.31
N GLY A 139 0.05 -10.98 -2.33
CA GLY A 139 1.39 -11.33 -1.94
C GLY A 139 2.11 -12.15 -2.99
N VAL A 140 3.31 -11.72 -3.32
CA VAL A 140 4.14 -12.47 -4.24
C VAL A 140 4.59 -13.80 -3.61
N ILE A 141 4.62 -14.86 -4.43
CA ILE A 141 4.85 -16.22 -3.99
C ILE A 141 5.96 -16.83 -4.83
N ASN A 142 6.47 -17.97 -4.37
CA ASN A 142 7.41 -18.76 -5.13
C ASN A 142 6.88 -20.11 -5.48
N THR A 143 5.91 -20.64 -4.74
CA THR A 143 5.43 -22.00 -4.92
C THR A 143 3.90 -21.99 -5.03
N VAL A 144 3.39 -22.49 -6.15
CA VAL A 144 1.94 -22.61 -6.37
C VAL A 144 1.44 -23.84 -5.63
N THR A 145 0.54 -23.65 -4.68
CA THR A 145 0.12 -24.79 -3.88
C THR A 145 -1.15 -25.39 -4.44
N SER A 146 -1.48 -26.58 -3.94
CA SER A 146 -2.53 -27.40 -4.54
C SER A 146 -3.88 -26.73 -4.36
N GLY A 147 -4.66 -26.70 -5.44
CA GLY A 147 -5.89 -25.97 -5.49
C GLY A 147 -5.79 -24.68 -6.27
N MET A 148 -4.61 -24.08 -6.32
CA MET A 148 -4.44 -22.84 -7.05
C MET A 148 -4.35 -23.12 -8.53
N ALA A 149 -4.79 -22.15 -9.31
CA ALA A 149 -4.55 -22.16 -10.75
C ALA A 149 -3.05 -22.19 -11.00
N PRO A 150 -2.59 -22.88 -12.07
CA PRO A 150 -1.14 -23.01 -12.27
C PRO A 150 -0.44 -21.69 -12.55
N ASP A 151 -1.10 -20.75 -13.22
CA ASP A 151 -0.51 -19.46 -13.56
C ASP A 151 -0.46 -18.46 -12.40
N THR A 152 -0.94 -18.85 -11.22
CA THR A 152 -1.16 -17.87 -10.15
C THR A 152 0.10 -17.08 -9.81
N LYS A 153 1.24 -17.76 -9.70
CA LYS A 153 2.48 -17.07 -9.37
C LYS A 153 2.81 -16.00 -10.42
N GLU A 154 2.69 -16.34 -11.69
CA GLU A 154 3.03 -15.33 -12.68
C GLU A 154 1.95 -14.26 -12.76
N THR A 155 0.67 -14.61 -12.52
CA THR A 155 -0.37 -13.59 -12.48
C THR A 155 -0.12 -12.60 -11.35
N ILE A 156 0.27 -13.09 -10.18
CA ILE A 156 0.55 -12.23 -9.04
C ILE A 156 1.75 -11.33 -9.33
N PHE A 157 2.81 -11.89 -9.93
CA PHE A 157 3.92 -11.03 -10.35
C PHE A 157 3.45 -9.99 -11.34
N SER A 158 2.53 -10.36 -12.24
CA SER A 158 2.07 -9.46 -13.29
C SER A 158 1.24 -8.31 -12.71
N ILE A 159 0.42 -8.62 -11.70
CA ILE A 159 -0.38 -7.60 -11.04
C ILE A 159 0.52 -6.63 -10.29
N SER A 160 1.57 -7.15 -9.63
CA SER A 160 2.49 -6.25 -8.94
C SER A 160 3.28 -5.40 -9.94
N LYS A 161 3.74 -6.01 -11.03
CA LYS A 161 4.49 -5.25 -12.04
C LYS A 161 3.64 -4.14 -12.62
N ALA A 162 2.37 -4.43 -12.91
CA ALA A 162 1.50 -3.43 -13.50
C ALA A 162 1.48 -2.15 -12.68
N TYR A 163 1.55 -2.27 -11.37
CA TYR A 163 1.40 -1.12 -10.50
C TYR A 163 2.74 -0.47 -10.16
N MET A 164 3.78 -1.28 -9.97
CA MET A 164 5.09 -0.70 -9.70
C MET A 164 5.64 -0.01 -10.94
N GLN A 165 5.22 -0.45 -12.12
CA GLN A 165 5.78 0.05 -13.37
C GLN A 165 5.41 1.51 -13.62
N ASN A 166 4.28 1.96 -13.10
CA ASN A 166 3.94 3.37 -13.16
C ASN A 166 5.12 4.18 -12.64
N PRO A 167 5.76 4.99 -13.49
CA PRO A 167 6.99 5.69 -13.07
C PRO A 167 6.80 6.68 -11.94
N ASN A 168 5.57 7.05 -11.62
CA ASN A 168 5.32 7.96 -10.50
C ASN A 168 4.66 7.28 -9.31
N ALA A 169 4.59 5.93 -9.30
CA ALA A 169 4.10 5.24 -8.12
C ALA A 169 5.16 5.24 -7.02
N ILE A 170 4.72 5.44 -5.78
CA ILE A 170 5.55 5.10 -4.63
C ILE A 170 5.45 3.59 -4.37
N ILE A 171 6.59 2.91 -4.36
CA ILE A 171 6.62 1.49 -4.05
C ILE A 171 6.88 1.35 -2.55
N LEU A 172 5.87 0.84 -1.82
CA LEU A 172 5.99 0.54 -0.40
C LEU A 172 6.33 -0.95 -0.30
N CYS A 173 7.61 -1.23 -0.10
CA CYS A 173 8.15 -2.58 -0.13
C CYS A 173 8.09 -3.15 1.29
N ILE A 174 7.13 -4.04 1.54
CA ILE A 174 6.93 -4.61 2.86
C ILE A 174 7.74 -5.89 2.96
N GLN A 175 8.58 -5.97 3.98
CA GLN A 175 9.59 -7.01 4.11
C GLN A 175 9.48 -7.62 5.49
N ASP A 176 9.20 -8.93 5.54
CA ASP A 176 8.99 -9.66 6.78
C ASP A 176 10.29 -9.75 7.58
N GLY A 177 10.37 -9.01 8.69
CA GLY A 177 11.57 -9.04 9.53
C GLY A 177 11.79 -10.35 10.27
N SER A 178 10.80 -11.23 10.31
CA SER A 178 10.90 -12.48 11.04
C SER A 178 11.46 -13.62 10.18
N VAL A 179 11.72 -13.37 8.90
CA VAL A 179 12.18 -14.40 7.95
C VAL A 179 13.49 -13.91 7.35
N ASP A 180 14.46 -14.82 7.19
CA ASP A 180 15.79 -14.42 6.72
C ASP A 180 15.67 -13.57 5.48
N ALA A 181 16.46 -12.50 5.42
CA ALA A 181 16.53 -11.65 4.22
C ALA A 181 16.81 -12.47 2.97
N GLU A 182 17.63 -13.51 3.08
CA GLU A 182 17.95 -14.31 1.91
C GLU A 182 16.73 -15.04 1.34
N ARG A 183 15.68 -15.22 2.14
CA ARG A 183 14.49 -15.95 1.68
C ARG A 183 13.50 -15.06 0.91
N SER A 184 13.73 -13.76 0.90
CA SER A 184 12.82 -12.79 0.30
C SER A 184 12.56 -13.04 -1.20
N ILE A 185 11.29 -12.98 -1.59
CA ILE A 185 10.87 -13.17 -2.98
C ILE A 185 10.77 -11.84 -3.74
N VAL A 186 10.29 -10.78 -3.10
CA VAL A 186 9.93 -9.56 -3.84
C VAL A 186 11.14 -8.66 -4.14
N THR A 187 12.28 -8.86 -3.47
CA THR A 187 13.40 -7.92 -3.59
C THR A 187 13.81 -7.72 -5.05
N ASP A 188 13.89 -8.80 -5.82
CA ASP A 188 14.37 -8.70 -7.19
C ASP A 188 13.44 -7.84 -8.05
N LEU A 189 12.12 -8.04 -7.93
CA LEU A 189 11.18 -7.21 -8.68
C LEU A 189 11.28 -5.74 -8.28
N VAL A 190 11.34 -5.48 -6.97
CA VAL A 190 11.52 -4.10 -6.51
C VAL A 190 12.77 -3.50 -7.11
N SER A 191 13.86 -4.27 -7.14
CA SER A 191 15.11 -3.77 -7.70
C SER A 191 15.00 -3.54 -9.21
N GLN A 192 14.24 -4.36 -9.92
CA GLN A 192 14.07 -4.12 -11.36
C GLN A 192 13.29 -2.83 -11.60
N MET A 193 12.19 -2.62 -10.87
CA MET A 193 11.28 -1.53 -11.20
C MET A 193 11.85 -0.18 -10.82
N ASP A 194 12.54 -0.10 -9.69
CA ASP A 194 13.14 1.15 -9.21
C ASP A 194 14.58 0.88 -8.81
N PRO A 195 15.45 0.57 -9.78
CA PRO A 195 16.85 0.24 -9.46
C PRO A 195 17.57 1.27 -8.60
N HIS A 196 17.29 2.55 -8.79
CA HIS A 196 18.01 3.59 -8.07
C HIS A 196 17.30 4.05 -6.81
N GLY A 197 16.15 3.48 -6.49
CA GLY A 197 15.49 3.80 -5.25
C GLY A 197 14.94 5.19 -5.19
N ARG A 198 14.49 5.73 -6.33
CA ARG A 198 13.94 7.09 -6.38
C ARG A 198 12.50 7.17 -5.89
N ARG A 199 11.77 6.04 -5.85
CA ARG A 199 10.37 6.08 -5.47
C ARG A 199 9.99 4.84 -4.65
N THR A 200 10.92 4.30 -3.87
CA THR A 200 10.67 3.13 -3.05
C THR A 200 10.92 3.46 -1.58
N ILE A 201 9.99 3.04 -0.72
CA ILE A 201 10.14 3.11 0.73
C ILE A 201 10.09 1.70 1.28
N PHE A 202 10.99 1.39 2.20
CA PHE A 202 11.21 0.04 2.67
C PHE A 202 10.67 -0.07 4.08
N VAL A 203 9.87 -1.11 4.33
CA VAL A 203 9.22 -1.36 5.60
C VAL A 203 9.59 -2.75 6.07
N LEU A 204 10.13 -2.85 7.27
CA LEU A 204 10.48 -4.12 7.89
C LEU A 204 9.46 -4.39 8.99
N THR A 205 8.57 -5.35 8.74
CA THR A 205 7.58 -5.72 9.73
C THR A 205 8.11 -6.79 10.67
N LYS A 206 7.30 -7.08 11.69
CA LYS A 206 7.50 -8.22 12.61
C LYS A 206 8.85 -8.18 13.32
N VAL A 207 9.35 -6.98 13.61
CA VAL A 207 10.63 -6.89 14.32
C VAL A 207 10.55 -7.47 15.74
N ASP A 208 9.33 -7.56 16.30
CA ASP A 208 9.14 -8.20 17.59
C ASP A 208 9.45 -9.69 17.49
N LEU A 209 8.98 -10.34 16.42
CA LEU A 209 9.35 -11.75 16.21
C LEU A 209 10.83 -11.88 15.95
N ALA A 210 11.43 -10.90 15.25
CA ALA A 210 12.86 -10.94 14.98
C ALA A 210 13.65 -11.01 16.28
N GLU A 211 13.33 -10.12 17.23
CA GLU A 211 13.99 -10.22 18.54
C GLU A 211 13.68 -11.56 19.20
N LYS A 212 12.43 -12.02 19.13
CA LYS A 212 12.06 -13.24 19.84
C LYS A 212 12.66 -14.51 19.23
N ASN A 213 13.33 -14.44 18.05
CA ASN A 213 13.86 -15.65 17.43
C ASN A 213 15.23 -15.50 16.77
N VAL A 214 15.68 -14.31 16.36
CA VAL A 214 16.83 -14.22 15.45
C VAL A 214 18.11 -14.01 16.23
N ALA A 215 19.20 -14.56 15.67
CA ALA A 215 20.50 -14.71 16.31
C ALA A 215 21.49 -13.61 15.95
N SER A 216 21.02 -12.46 15.45
CA SER A 216 21.89 -11.32 15.17
C SER A 216 21.09 -10.03 15.15
N PRO A 217 20.89 -9.36 16.30
CA PRO A 217 20.13 -8.11 16.32
C PRO A 217 20.84 -6.95 15.64
N SER A 218 22.08 -7.16 15.18
CA SER A 218 22.81 -6.15 14.42
C SER A 218 22.41 -6.18 12.95
N ARG A 219 21.96 -7.35 12.48
CA ARG A 219 21.46 -7.45 11.12
C ARG A 219 20.22 -6.58 10.92
N ILE A 220 19.41 -6.37 11.97
CA ILE A 220 18.28 -5.46 11.82
C ILE A 220 18.80 -4.05 11.52
N GLN A 221 19.82 -3.61 12.25
CA GLN A 221 20.43 -2.31 11.99
C GLN A 221 20.99 -2.26 10.58
N GLN A 222 21.62 -3.36 10.15
CA GLN A 222 22.20 -3.41 8.82
C GLN A 222 21.12 -3.28 7.74
N ILE A 223 19.97 -3.92 7.97
CA ILE A 223 18.85 -3.78 7.05
C ILE A 223 18.39 -2.34 6.99
N ILE A 224 18.11 -1.75 8.17
CA ILE A 224 17.52 -0.41 8.16
C ILE A 224 18.50 0.62 7.61
N GLU A 225 19.80 0.34 7.62
CA GLU A 225 20.73 1.27 7.00
C GLU A 225 20.89 1.06 5.49
N GLY A 226 20.15 0.12 4.90
CA GLY A 226 20.24 -0.12 3.47
C GLY A 226 21.39 -1.01 3.08
N LYS A 227 21.99 -1.73 4.03
CA LYS A 227 23.25 -2.41 3.81
C LYS A 227 23.13 -3.93 3.63
N LEU A 228 21.94 -4.50 3.64
CA LEU A 228 21.80 -5.95 3.53
C LEU A 228 21.04 -6.38 2.28
N PHE A 229 19.87 -5.82 2.05
CA PHE A 229 19.06 -6.20 0.91
C PHE A 229 19.62 -5.57 -0.37
N PRO A 230 19.72 -6.34 -1.45
CA PRO A 230 20.22 -5.75 -2.71
C PRO A 230 19.20 -4.84 -3.38
N MET A 231 18.85 -3.72 -2.76
CA MET A 231 17.89 -2.78 -3.32
C MET A 231 18.12 -1.42 -2.70
N LYS A 232 17.60 -0.39 -3.34
CA LYS A 232 17.70 0.99 -2.85
C LYS A 232 16.32 1.51 -2.49
N ALA A 233 16.28 2.44 -1.53
CA ALA A 233 15.03 3.04 -1.11
C ALA A 233 15.30 4.45 -0.64
N LEU A 234 14.27 5.30 -0.75
CA LEU A 234 14.36 6.64 -0.18
C LEU A 234 14.48 6.61 1.34
N GLY A 235 13.93 5.58 1.98
CA GLY A 235 13.97 5.48 3.43
C GLY A 235 13.62 4.09 3.90
N TYR A 236 14.01 3.80 5.15
CA TYR A 236 13.84 2.50 5.77
C TYR A 236 13.18 2.66 7.13
N PHE A 237 12.13 1.88 7.39
CA PHE A 237 11.41 1.93 8.65
C PHE A 237 11.21 0.54 9.20
N ALA A 238 11.28 0.41 10.52
CA ALA A 238 10.97 -0.80 11.26
C ALA A 238 9.63 -0.59 11.95
N VAL A 239 8.84 -1.65 12.06
CA VAL A 239 7.42 -1.49 12.30
C VAL A 239 6.90 -2.74 13.01
N VAL A 240 5.88 -2.56 13.85
CA VAL A 240 5.17 -3.69 14.44
C VAL A 240 3.69 -3.48 14.16
N THR A 241 3.09 -4.43 13.42
CA THR A 241 1.78 -4.23 12.82
C THR A 241 0.85 -5.38 13.13
N GLY A 242 1.20 -6.18 14.13
CA GLY A 242 0.31 -7.21 14.61
C GLY A 242 1.02 -8.06 15.64
N LYS A 243 0.30 -9.08 16.09
CA LYS A 243 0.84 -10.08 17.00
C LYS A 243 -0.09 -11.28 17.03
N GLY A 244 0.48 -12.48 16.85
CA GLY A 244 -0.23 -13.73 17.06
C GLY A 244 -1.00 -14.25 15.86
N ASN A 245 -2.10 -14.96 16.16
CA ASN A 245 -2.98 -15.53 15.14
C ASN A 245 -4.36 -14.91 15.15
N SER A 246 -4.86 -14.51 16.30
CA SER A 246 -6.17 -13.91 16.37
C SER A 246 -6.06 -12.42 16.08
N SER A 247 -7.06 -11.89 15.40
CA SER A 247 -7.12 -10.47 15.11
C SER A 247 -7.32 -9.67 16.39
N GLU A 248 -6.36 -8.82 16.71
CA GLU A 248 -6.50 -7.82 17.75
C GLU A 248 -7.11 -6.56 17.14
N SER A 249 -7.19 -5.52 17.94
CA SER A 249 -7.69 -4.24 17.46
C SER A 249 -6.51 -3.32 17.12
N ILE A 250 -6.80 -2.31 16.31
CA ILE A 250 -5.78 -1.33 15.94
C ILE A 250 -5.15 -0.70 17.19
N GLU A 251 -5.96 -0.44 18.21
CA GLU A 251 -5.44 0.22 19.41
C GLU A 251 -4.56 -0.75 20.21
N ALA A 252 -4.98 -2.00 20.34
CA ALA A 252 -4.15 -3.02 20.97
C ALA A 252 -2.81 -3.17 20.24
N ILE A 253 -2.84 -3.17 18.90
CA ILE A 253 -1.61 -3.34 18.11
C ILE A 253 -0.70 -2.12 18.27
N ARG A 254 -1.30 -0.92 18.34
CA ARG A 254 -0.50 0.30 18.48
C ARG A 254 0.16 0.37 19.84
N GLU A 255 -0.59 -0.02 20.89
CA GLU A 255 -0.01 -0.17 22.21
C GLU A 255 1.15 -1.15 22.19
N TYR A 256 0.93 -2.32 21.58
CA TYR A 256 1.96 -3.36 21.54
C TYR A 256 3.23 -2.87 20.85
N GLU A 257 3.06 -2.13 19.75
CA GLU A 257 4.21 -1.63 19.02
C GLU A 257 4.98 -0.59 19.83
N GLU A 258 4.25 0.34 20.46
CA GLU A 258 4.90 1.32 21.32
C GLU A 258 5.67 0.65 22.46
N GLU A 259 5.02 -0.29 23.17
CA GLU A 259 5.70 -1.00 24.25
C GLU A 259 6.96 -1.67 23.73
N PHE A 260 6.83 -2.45 22.64
CA PHE A 260 7.97 -3.22 22.13
C PHE A 260 9.16 -2.31 21.84
N PHE A 261 8.91 -1.20 21.13
CA PHE A 261 10.02 -0.35 20.72
C PHE A 261 10.63 0.38 21.92
N GLN A 262 9.80 0.84 22.87
CA GLN A 262 10.36 1.53 24.02
C GLN A 262 11.11 0.58 24.96
N ASN A 263 10.86 -0.72 24.88
CA ASN A 263 11.60 -1.71 25.65
C ASN A 263 12.66 -2.43 24.83
N SER A 264 12.84 -2.06 23.57
CA SER A 264 13.70 -2.80 22.65
C SER A 264 15.15 -2.35 22.79
N LYS A 265 16.06 -3.33 22.80
CA LYS A 265 17.49 -3.01 22.80
C LYS A 265 17.85 -2.06 21.68
N LEU A 266 17.16 -2.17 20.54
CA LEU A 266 17.54 -1.46 19.33
C LEU A 266 17.41 0.06 19.47
N LEU A 267 16.40 0.53 20.20
CA LEU A 267 16.21 1.97 20.36
C LEU A 267 16.96 2.54 21.56
N LYS A 268 16.97 1.82 22.69
CA LYS A 268 17.66 2.31 23.87
C LYS A 268 19.17 2.39 23.65
N THR A 269 19.73 1.41 22.97
CA THR A 269 21.11 1.47 22.55
C THR A 269 21.32 2.48 21.43
N SER A 270 20.24 2.92 20.78
CA SER A 270 20.29 3.75 19.58
C SER A 270 21.05 3.05 18.46
N MET A 271 20.89 1.71 18.41
CA MET A 271 21.31 0.94 17.24
C MET A 271 20.64 1.49 15.99
N LEU A 272 19.31 1.52 15.98
CA LEU A 272 18.55 2.26 14.98
C LEU A 272 17.78 3.37 15.66
N LYS A 273 17.30 4.31 14.86
CA LYS A 273 16.91 5.63 15.30
C LYS A 273 15.41 5.71 15.56
N ALA A 274 14.99 6.79 16.22
CA ALA A 274 13.60 6.90 16.66
C ALA A 274 12.70 7.33 15.51
N HIS A 275 13.20 8.17 14.62
CA HIS A 275 12.39 8.58 13.48
C HIS A 275 12.17 7.43 12.49
N GLN A 276 13.04 6.43 12.54
CA GLN A 276 12.94 5.27 11.71
C GLN A 276 11.94 4.22 12.14
N VAL A 277 11.10 4.51 13.12
CA VAL A 277 10.51 3.41 13.82
C VAL A 277 9.04 3.01 13.83
N THR A 278 8.10 3.85 14.10
CA THR A 278 6.76 3.31 14.25
C THR A 278 6.03 3.26 12.93
N THR A 279 4.84 2.70 12.84
CA THR A 279 4.07 2.91 11.67
C THR A 279 3.64 4.33 11.46
N ARG A 280 3.49 5.09 12.52
CA ARG A 280 3.13 6.46 12.42
C ARG A 280 4.17 7.28 11.71
N ASN A 281 5.40 7.02 12.00
CA ASN A 281 6.51 7.66 11.29
C ASN A 281 6.53 7.25 9.82
N LEU A 282 6.40 5.94 9.55
CA LEU A 282 6.29 5.48 8.16
C LEU A 282 5.17 6.21 7.44
N SER A 283 4.02 6.32 8.09
CA SER A 283 2.84 7.00 7.56
C SER A 283 3.19 8.41 7.11
N LEU A 284 3.82 9.18 8.00
CA LEU A 284 4.13 10.57 7.68
C LEU A 284 5.08 10.65 6.48
N ALA A 285 6.13 9.82 6.47
CA ALA A 285 7.04 9.85 5.33
C ALA A 285 6.32 9.47 4.05
N VAL A 286 5.41 8.51 4.13
CA VAL A 286 4.76 8.05 2.91
C VAL A 286 3.82 9.12 2.37
N SER A 287 3.10 9.81 3.26
CA SER A 287 2.24 10.92 2.85
C SER A 287 3.06 12.05 2.23
N ASP A 288 4.12 12.48 2.91
CA ASP A 288 5.00 13.51 2.35
C ASP A 288 5.44 13.12 0.94
N CYS A 289 5.93 11.89 0.81
CA CYS A 289 6.48 11.44 -0.46
C CYS A 289 5.39 11.39 -1.54
N PHE A 290 4.20 10.92 -1.17
CA PHE A 290 3.08 10.87 -2.11
C PHE A 290 2.72 12.26 -2.60
N TRP A 291 2.59 13.23 -1.69
CA TRP A 291 2.17 14.56 -2.12
C TRP A 291 3.25 15.23 -2.96
N LYS A 292 4.51 15.11 -2.56
CA LYS A 292 5.61 15.62 -3.38
C LYS A 292 5.53 15.03 -4.78
N MET A 293 5.28 13.72 -4.88
CA MET A 293 5.25 13.14 -6.21
C MET A 293 4.03 13.61 -7.00
N VAL A 294 2.91 13.87 -6.31
CA VAL A 294 1.73 14.38 -7.01
C VAL A 294 2.01 15.76 -7.57
N ARG A 295 2.56 16.65 -6.75
CA ARG A 295 2.87 18.00 -7.20
C ARG A 295 3.90 18.00 -8.31
N GLU A 296 4.87 17.08 -8.28
CA GLU A 296 5.83 16.99 -9.36
C GLU A 296 5.32 16.24 -10.59
N SER A 297 4.17 15.56 -10.50
CA SER A 297 3.68 14.75 -11.63
C SER A 297 2.50 15.32 -12.37
N VAL A 298 1.64 16.06 -11.72
CA VAL A 298 0.39 16.36 -12.38
C VAL A 298 0.59 17.24 -13.58
N GLU A 299 1.49 18.20 -13.48
CA GLU A 299 1.61 19.15 -14.56
C GLU A 299 2.16 18.52 -15.79
N GLN A 300 3.19 17.75 -15.61
CA GLN A 300 3.76 16.99 -16.67
C GLN A 300 2.73 16.06 -17.24
N GLN A 301 1.60 15.96 -16.60
CA GLN A 301 0.61 15.08 -17.11
C GLN A 301 -0.64 15.85 -17.55
N ALA A 302 -0.79 17.05 -17.00
CA ALA A 302 -1.32 18.27 -17.64
C ALA A 302 -0.63 18.49 -18.99
N ASP A 303 0.67 18.36 -18.96
CA ASP A 303 1.52 18.52 -20.15
C ASP A 303 1.10 17.54 -21.24
N SER A 304 0.91 16.32 -20.81
CA SER A 304 0.50 15.21 -21.70
C SER A 304 -0.83 15.55 -22.37
N PHE A 305 -1.75 16.02 -21.54
CA PHE A 305 -3.09 16.41 -21.99
C PHE A 305 -2.99 17.49 -23.07
N LYS A 306 -2.17 18.47 -22.77
CA LYS A 306 -1.93 19.62 -23.67
C LYS A 306 -1.42 19.12 -25.03
N ALA A 307 -0.47 18.21 -24.95
CA ALA A 307 0.16 17.61 -26.13
C ALA A 307 -0.91 16.92 -26.99
N THR A 308 -1.73 16.16 -26.30
CA THR A 308 -2.83 15.41 -26.93
C THR A 308 -3.76 16.36 -27.68
N ARG A 309 -4.21 17.43 -27.03
CA ARG A 309 -5.28 18.24 -27.63
C ARG A 309 -5.04 18.56 -29.09
N PHE A 310 -3.85 19.05 -29.41
CA PHE A 310 -3.57 19.48 -30.75
C PHE A 310 -2.55 18.66 -31.51
N ASN A 311 -1.47 18.24 -30.86
CA ASN A 311 -0.37 17.65 -31.60
C ASN A 311 -1.02 16.88 -32.71
N LEU A 312 -2.11 16.26 -32.30
CA LEU A 312 -2.95 15.55 -33.21
C LEU A 312 -4.27 16.31 -33.36
N GLU A 313 -5.23 16.17 -32.46
CA GLU A 313 -6.47 16.94 -32.60
C GLU A 313 -6.97 16.91 -34.03
N VAL A 332 -9.91 11.69 -23.79
CA VAL A 332 -9.09 12.70 -23.11
C VAL A 332 -9.92 13.96 -22.89
N ARG A 333 -11.25 13.82 -22.98
CA ARG A 333 -12.14 14.97 -22.96
C ARG A 333 -12.37 15.65 -21.63
N GLU A 334 -13.13 15.00 -20.74
CA GLU A 334 -13.42 15.52 -19.40
C GLU A 334 -12.37 14.96 -18.45
N ILE A 335 -11.46 14.12 -18.94
CA ILE A 335 -10.35 13.68 -18.13
C ILE A 335 -9.38 14.83 -17.90
N GLN A 336 -9.19 15.66 -18.92
CA GLN A 336 -8.23 16.74 -18.81
C GLN A 336 -8.73 17.87 -17.92
N GLU A 337 -10.05 18.07 -17.84
CA GLU A 337 -10.56 19.18 -17.06
C GLU A 337 -10.68 18.85 -15.57
N LYS A 338 -10.92 17.59 -15.22
CA LYS A 338 -10.81 17.18 -13.82
C LYS A 338 -9.37 17.34 -13.33
N LEU A 339 -8.42 16.94 -14.16
CA LEU A 339 -7.00 17.13 -13.82
C LEU A 339 -6.69 18.62 -13.70
N ASP A 340 -7.32 19.44 -14.56
CA ASP A 340 -7.08 20.88 -14.53
C ASP A 340 -7.68 21.52 -13.28
N ALA A 341 -8.89 21.10 -12.90
CA ALA A 341 -9.47 21.54 -11.65
C ALA A 341 -8.59 21.19 -10.46
N PHE A 342 -8.02 19.96 -10.45
CA PHE A 342 -7.18 19.56 -9.32
C PHE A 342 -5.88 20.34 -9.28
N ILE A 343 -5.21 20.52 -10.43
CA ILE A 343 -3.97 21.29 -10.41
C ILE A 343 -4.25 22.75 -10.06
N GLU A 344 -5.45 23.23 -10.42
CA GLU A 344 -5.91 24.54 -9.95
C GLU A 344 -5.92 24.59 -8.43
N ALA A 345 -6.67 23.66 -7.81
CA ALA A 345 -6.74 23.66 -6.35
C ALA A 345 -5.37 23.43 -5.72
N LEU A 346 -4.63 22.53 -6.32
CA LEU A 346 -3.41 22.18 -5.72
C LEU A 346 -2.44 23.18 -5.27
N HIS A 347 -2.20 24.19 -6.08
CA HIS A 347 -1.56 25.41 -5.65
C HIS A 347 -2.33 26.31 -4.72
N GLN A 348 -2.51 25.89 -3.48
CA GLN A 348 -3.26 26.64 -2.49
C GLN A 348 -4.35 27.49 -3.14
#